data_4G9M
#
_entry.id   4G9M
#
_cell.length_a   121.979
_cell.length_b   61.091
_cell.length_c   32.793
_cell.angle_alpha   90.00
_cell.angle_beta   93.00
_cell.angle_gamma   90.00
#
_symmetry.space_group_name_H-M   'C 1 2 1'
#
loop_
_entity.id
_entity.type
_entity.pdbx_description
1 polymer agglutinin
2 water water
#
_entity_poly.entity_id   1
_entity_poly.type   'polypeptide(L)'
_entity_poly.pdbx_seq_one_letter_code
;APISLPAGTYTLKNVSTGTVLDLWRGEAAEGTAIQGYKSHGGDNQKWRLKWTGKGNQVTLQNVKSGTYVGTASNIQNSVN
VVGSTTAVPLDIVAADKGFAIEAADHRLFVLDLKESNPANETPVIYYNNNATDNQKWKFIDEK
;
_entity_poly.pdbx_strand_id   A,B
#
# COMPACT_ATOMS: atom_id res chain seq x y z
N ALA A 1 2.42 9.38 -15.30
CA ALA A 1 2.57 10.33 -14.21
C ALA A 1 3.01 9.67 -12.90
N PRO A 2 3.77 10.40 -12.07
CA PRO A 2 4.07 9.88 -10.74
C PRO A 2 2.80 9.73 -9.92
N ILE A 3 2.60 8.56 -9.33
CA ILE A 3 1.41 8.35 -8.52
C ILE A 3 1.76 8.33 -7.05
N SER A 4 1.20 9.28 -6.29
CA SER A 4 1.51 9.38 -4.87
C SER A 4 0.22 9.46 -4.05
N LEU A 5 0.29 8.92 -2.85
CA LEU A 5 -0.76 9.05 -1.87
C LEU A 5 -0.24 9.96 -0.76
N PRO A 6 -0.41 11.28 -0.91
CA PRO A 6 0.21 12.20 0.06
C PRO A 6 -0.54 12.24 1.38
N ALA A 7 0.14 12.70 2.44
CA ALA A 7 -0.54 13.01 3.69
C ALA A 7 -1.56 14.08 3.37
N GLY A 8 -2.74 13.99 3.96
CA GLY A 8 -3.78 14.96 3.70
C GLY A 8 -5.15 14.42 4.09
N THR A 9 -6.20 15.12 3.67
CA THR A 9 -7.55 14.74 4.03
C THR A 9 -8.26 14.01 2.90
N TYR A 10 -8.96 12.92 3.24
CA TYR A 10 -9.57 12.06 2.25
C TYR A 10 -11.01 11.71 2.55
N THR A 11 -11.78 11.46 1.49
CA THR A 11 -13.00 10.69 1.59
C THR A 11 -12.60 9.26 1.24
N LEU A 12 -13.07 8.30 2.02
CA LEU A 12 -12.71 6.91 1.80
C LEU A 12 -13.97 6.16 1.38
N LYS A 13 -14.02 5.78 0.12
CA LYS A 13 -15.23 5.23 -0.46
C LYS A 13 -15.09 3.73 -0.69
N ASN A 14 -15.98 2.96 -0.06
CA ASN A 14 -15.94 1.50 -0.18
C ASN A 14 -16.18 1.05 -1.60
N VAL A 15 -15.30 0.20 -2.09
CA VAL A 15 -15.34 -0.24 -3.47
C VAL A 15 -16.62 -1.02 -3.80
N SER A 16 -17.09 -1.81 -2.84
CA SER A 16 -18.26 -2.68 -3.05
CA SER A 16 -18.25 -2.67 -3.08
C SER A 16 -19.60 -1.96 -3.07
N THR A 17 -19.71 -0.87 -2.31
CA THR A 17 -21.00 -0.19 -2.16
C THR A 17 -21.07 1.23 -2.70
N GLY A 18 -19.94 1.91 -2.72
CA GLY A 18 -19.92 3.32 -3.05
C GLY A 18 -20.33 4.21 -1.88
N THR A 19 -20.57 3.61 -0.72
CA THR A 19 -20.78 4.38 0.51
C THR A 19 -19.42 4.68 1.15
N VAL A 20 -19.37 5.71 2.00
CA VAL A 20 -18.07 6.21 2.49
C VAL A 20 -17.87 5.91 3.97
N LEU A 21 -16.60 5.92 4.39
CA LEU A 21 -16.25 5.71 5.79
C LEU A 21 -16.77 6.90 6.61
N ASP A 22 -17.56 6.60 7.65
CA ASP A 22 -18.36 7.62 8.34
C ASP A 22 -18.29 7.41 9.85
N LEU A 23 -17.96 8.47 10.58
CA LEU A 23 -18.02 8.46 12.05
C LEU A 23 -19.32 9.11 12.52
N TRP A 24 -20.09 8.42 13.34
CA TRP A 24 -21.48 8.82 13.67
C TRP A 24 -21.64 10.26 14.12
N ARG A 25 -22.27 11.08 13.27
CA ARG A 25 -22.43 12.52 13.49
C ARG A 25 -21.15 13.27 13.88
N GLY A 26 -20.02 12.58 13.82
CA GLY A 26 -18.75 13.17 14.18
C GLY A 26 -18.53 13.29 15.67
N GLU A 27 -19.15 12.40 16.45
CA GLU A 27 -19.00 12.43 17.91
C GLU A 27 -17.60 12.01 18.36
N ALA A 28 -17.02 12.81 19.27
CA ALA A 28 -15.66 12.57 19.73
C ALA A 28 -15.57 11.58 20.88
N ALA A 29 -16.70 11.03 21.28
CA ALA A 29 -16.74 10.09 22.39
C ALA A 29 -16.05 8.78 22.06
N GLU A 30 -15.44 8.16 23.07
CA GLU A 30 -14.74 6.89 22.90
C GLU A 30 -15.70 5.78 22.49
N GLY A 31 -15.39 5.13 21.37
CA GLY A 31 -16.17 4.00 20.89
C GLY A 31 -17.24 4.40 19.89
N THR A 32 -17.27 5.68 19.52
CA THR A 32 -18.25 6.16 18.54
C THR A 32 -18.15 5.35 17.25
N ALA A 33 -19.29 4.85 16.78
CA ALA A 33 -19.32 3.93 15.64
C ALA A 33 -18.74 4.50 14.36
N ILE A 34 -17.91 3.70 13.69
CA ILE A 34 -17.52 3.98 12.31
C ILE A 34 -18.28 3.01 11.39
N GLN A 35 -18.79 3.53 10.29
CA GLN A 35 -19.80 2.84 9.50
C GLN A 35 -19.79 3.30 8.06
N GLY A 36 -20.52 2.58 7.22
CA GLY A 36 -20.74 3.00 5.84
C GLY A 36 -21.95 3.91 5.77
N TYR A 37 -21.86 4.97 4.98
CA TYR A 37 -22.94 5.95 4.87
C TYR A 37 -22.85 6.65 3.52
N LYS A 38 -23.99 7.07 2.99
CA LYS A 38 -24.00 7.81 1.73
C LYS A 38 -23.22 9.11 1.87
N SER A 39 -22.38 9.40 0.88
CA SER A 39 -21.60 10.62 0.83
C SER A 39 -22.50 11.86 0.90
N HIS A 40 -22.21 12.74 1.85
CA HIS A 40 -22.95 14.01 1.96
C HIS A 40 -22.03 15.21 2.19
N GLY A 41 -20.72 14.96 2.15
CA GLY A 41 -19.74 16.03 2.25
C GLY A 41 -19.42 16.50 3.67
N GLY A 42 -20.05 15.88 4.66
CA GLY A 42 -19.81 16.26 6.05
C GLY A 42 -18.39 15.95 6.50
N ASP A 43 -17.87 16.75 7.42
CA ASP A 43 -16.52 16.53 7.94
C ASP A 43 -16.35 15.21 8.69
N ASN A 44 -17.47 14.64 9.14
CA ASN A 44 -17.44 13.33 9.79
C ASN A 44 -17.18 12.20 8.78
N GLN A 45 -17.15 12.57 7.50
CA GLN A 45 -16.81 11.63 6.44
C GLN A 45 -15.48 11.98 5.79
N LYS A 46 -14.67 12.76 6.50
CA LYS A 46 -13.33 13.09 6.03
C LYS A 46 -12.30 12.62 7.05
N TRP A 47 -11.16 12.15 6.54
CA TRP A 47 -10.16 11.50 7.35
C TRP A 47 -8.77 11.99 6.98
N ARG A 48 -7.99 12.36 7.99
CA ARG A 48 -6.62 12.84 7.78
CA ARG A 48 -6.63 12.83 7.77
C ARG A 48 -5.65 11.68 7.79
N LEU A 49 -4.94 11.48 6.69
CA LEU A 49 -3.90 10.47 6.60
C LEU A 49 -2.56 11.06 7.02
N LYS A 50 -1.88 10.43 7.97
CA LYS A 50 -0.59 10.91 8.46
C LYS A 50 0.29 9.73 8.83
N TRP A 51 1.55 9.76 8.41
CA TRP A 51 2.51 8.72 8.76
C TRP A 51 3.03 8.97 10.16
N THR A 52 3.20 7.89 10.93
CA THR A 52 3.55 8.01 12.34
C THR A 52 5.05 8.18 12.61
N GLY A 53 5.89 7.71 11.69
CA GLY A 53 7.33 7.71 11.90
C GLY A 53 7.85 6.31 12.20
N LYS A 54 6.94 5.37 12.39
CA LYS A 54 7.32 3.97 12.57
C LYS A 54 7.04 3.20 11.30
N GLY A 55 8.10 2.71 10.65
CA GLY A 55 7.95 1.97 9.42
C GLY A 55 7.15 2.78 8.42
N ASN A 56 6.19 2.13 7.76
CA ASN A 56 5.30 2.84 6.85
C ASN A 56 3.92 3.07 7.47
N GLN A 57 3.84 2.93 8.80
CA GLN A 57 2.54 2.97 9.50
C GLN A 57 1.90 4.36 9.52
N VAL A 58 0.58 4.38 9.46
CA VAL A 58 -0.18 5.63 9.43
C VAL A 58 -1.29 5.58 10.47
N THR A 59 -1.89 6.74 10.73
CA THR A 59 -3.17 6.82 11.43
C THR A 59 -4.19 7.56 10.55
N LEU A 60 -5.47 7.39 10.83
CA LEU A 60 -6.52 8.13 10.15
C LEU A 60 -7.29 8.87 11.22
N GLN A 61 -7.34 10.19 11.10
CA GLN A 61 -8.00 11.04 12.07
C GLN A 61 -9.25 11.65 11.47
N ASN A 62 -10.37 11.51 12.17
CA ASN A 62 -11.63 12.08 11.69
C ASN A 62 -11.58 13.60 11.74
N VAL A 63 -12.01 14.26 10.66
CA VAL A 63 -11.91 15.72 10.58
C VAL A 63 -12.87 16.43 11.54
N LYS A 64 -14.08 15.93 11.65
CA LYS A 64 -15.07 16.48 12.57
C LYS A 64 -14.70 16.27 14.04
N SER A 65 -14.40 15.03 14.42
CA SER A 65 -14.21 14.69 15.84
C SER A 65 -12.81 14.95 16.39
N GLY A 66 -11.79 14.71 15.57
CA GLY A 66 -10.42 14.79 16.03
C GLY A 66 -9.93 13.47 16.59
N THR A 67 -10.83 12.50 16.70
CA THR A 67 -10.47 11.16 17.16
C THR A 67 -10.04 10.29 15.96
N TYR A 68 -9.47 9.13 16.25
CA TYR A 68 -8.83 8.32 15.23
C TYR A 68 -9.54 7.00 14.97
N VAL A 69 -9.22 6.36 13.85
CA VAL A 69 -9.66 4.99 13.62
C VAL A 69 -9.07 4.13 14.72
N GLY A 70 -9.94 3.53 15.51
CA GLY A 70 -9.53 2.67 16.61
C GLY A 70 -10.33 1.38 16.64
N THR A 71 -10.38 0.74 17.80
CA THR A 71 -11.05 -0.55 17.91
C THR A 71 -11.88 -0.66 19.19
N ALA A 72 -13.04 -1.31 19.09
CA ALA A 72 -13.93 -1.48 20.23
C ALA A 72 -13.35 -2.48 21.22
N SER A 73 -12.58 -3.43 20.71
CA SER A 73 -11.96 -4.45 21.55
C SER A 73 -10.60 -4.83 20.99
N ASN A 74 -10.15 -6.05 21.31
CA ASN A 74 -8.91 -6.57 20.72
C ASN A 74 -9.19 -6.98 19.28
N ILE A 75 -8.42 -6.42 18.35
CA ILE A 75 -8.68 -6.58 16.92
C ILE A 75 -8.81 -8.04 16.50
N GLN A 76 -10.01 -8.39 16.04
CA GLN A 76 -10.36 -9.74 15.70
C GLN A 76 -11.41 -9.67 14.61
N ASN A 77 -11.69 -10.80 13.96
CA ASN A 77 -12.79 -10.86 13.03
C ASN A 77 -14.06 -10.35 13.71
N SER A 78 -14.75 -9.44 13.03
CA SER A 78 -16.05 -8.92 13.46
C SER A 78 -15.99 -7.93 14.64
N VAL A 79 -14.79 -7.51 15.02
CA VAL A 79 -14.64 -6.42 15.97
C VAL A 79 -14.95 -5.08 15.31
N ASN A 80 -15.81 -4.28 15.94
CA ASN A 80 -16.18 -2.97 15.41
C ASN A 80 -15.00 -2.02 15.31
N VAL A 81 -14.94 -1.28 14.21
CA VAL A 81 -14.00 -0.18 14.08
C VAL A 81 -14.68 1.06 14.64
N VAL A 82 -14.00 1.77 15.53
CA VAL A 82 -14.63 2.88 16.24
C VAL A 82 -13.70 4.07 16.43
N GLY A 83 -14.28 5.22 16.73
CA GLY A 83 -13.49 6.41 17.01
C GLY A 83 -12.90 6.36 18.40
N SER A 84 -11.63 6.74 18.52
CA SER A 84 -10.94 6.66 19.80
C SER A 84 -9.83 7.71 19.89
N THR A 85 -9.47 8.12 21.11
CA THR A 85 -8.33 9.02 21.25
C THR A 85 -7.05 8.22 21.01
N THR A 86 -7.18 6.90 21.12
CA THR A 86 -6.07 5.99 20.85
C THR A 86 -6.16 5.40 19.44
N ALA A 87 -5.24 5.80 18.58
CA ALA A 87 -5.25 5.35 17.20
C ALA A 87 -4.71 3.94 17.08
N VAL A 88 -5.33 3.16 16.20
CA VAL A 88 -4.76 1.91 15.72
C VAL A 88 -3.87 2.27 14.55
N PRO A 89 -2.58 1.88 14.60
CA PRO A 89 -1.71 2.14 13.45
C PRO A 89 -2.10 1.25 12.27
N LEU A 90 -2.03 1.79 11.05
CA LEU A 90 -2.51 1.08 9.88
C LEU A 90 -1.44 1.04 8.79
N ASP A 91 -1.61 0.13 7.85
CA ASP A 91 -0.85 0.13 6.60
C ASP A 91 -1.86 0.30 5.47
N ILE A 92 -1.57 1.16 4.51
CA ILE A 92 -2.40 1.30 3.31
C ILE A 92 -1.74 0.52 2.19
N VAL A 93 -2.40 -0.55 1.74
CA VAL A 93 -1.81 -1.50 0.80
C VAL A 93 -2.56 -1.46 -0.54
N ALA A 94 -1.83 -1.28 -1.64
CA ALA A 94 -2.47 -1.14 -2.94
C ALA A 94 -3.23 -2.41 -3.30
N ALA A 95 -4.47 -2.25 -3.74
CA ALA A 95 -5.26 -3.39 -4.21
C ALA A 95 -5.64 -3.25 -5.68
N ASP A 96 -6.21 -4.31 -6.24
CA ASP A 96 -6.63 -4.30 -7.64
C ASP A 96 -7.69 -3.23 -7.89
N LYS A 97 -8.45 -2.90 -6.85
CA LYS A 97 -9.35 -1.75 -6.82
C LYS A 97 -9.07 -1.02 -5.51
N GLY A 98 -8.73 0.26 -5.60
CA GLY A 98 -8.50 1.04 -4.39
C GLY A 98 -7.34 0.53 -3.54
N PHE A 99 -7.48 0.68 -2.23
CA PHE A 99 -6.49 0.24 -1.25
C PHE A 99 -7.13 -0.56 -0.13
N ALA A 100 -6.39 -1.54 0.38
CA ALA A 100 -6.75 -2.18 1.63
C ALA A 100 -6.15 -1.38 2.79
N ILE A 101 -6.88 -1.30 3.89
CA ILE A 101 -6.41 -0.61 5.08
C ILE A 101 -6.21 -1.67 6.14
N GLU A 102 -4.95 -2.02 6.40
CA GLU A 102 -4.57 -3.13 7.28
C GLU A 102 -4.24 -2.66 8.69
N ALA A 103 -4.54 -3.49 9.68
CA ALA A 103 -4.03 -3.24 11.02
C ALA A 103 -2.53 -3.54 11.04
N ALA A 104 -1.72 -2.50 11.26
CA ALA A 104 -0.26 -2.62 11.13
C ALA A 104 0.33 -3.72 12.00
N ASP A 105 -0.23 -3.89 13.19
CA ASP A 105 0.31 -4.86 14.13
C ASP A 105 -0.45 -6.19 14.07
N HIS A 106 -1.56 -6.20 13.34
CA HIS A 106 -2.37 -7.40 13.16
C HIS A 106 -2.72 -7.51 11.67
N ARG A 107 -1.71 -7.74 10.83
CA ARG A 107 -1.83 -7.51 9.39
C ARG A 107 -2.78 -8.46 8.66
N LEU A 108 -3.21 -9.52 9.33
CA LEU A 108 -4.24 -10.39 8.76
C LEU A 108 -5.55 -9.61 8.61
N PHE A 109 -5.75 -8.60 9.45
CA PHE A 109 -7.04 -7.92 9.54
C PHE A 109 -7.07 -6.56 8.85
N VAL A 110 -8.16 -6.31 8.15
CA VAL A 110 -8.37 -5.07 7.41
C VAL A 110 -9.74 -4.49 7.73
N LEU A 111 -9.93 -3.20 7.44
CA LEU A 111 -11.24 -2.57 7.54
C LEU A 111 -12.20 -3.19 6.53
N ASP A 112 -13.35 -3.66 7.02
CA ASP A 112 -14.30 -4.45 6.25
C ASP A 112 -15.71 -3.86 6.38
N LEU A 113 -16.32 -3.45 5.27
CA LEU A 113 -17.72 -3.01 5.33
C LEU A 113 -18.63 -4.24 5.38
N LYS A 114 -19.22 -4.49 6.55
CA LYS A 114 -19.91 -5.75 6.82
C LYS A 114 -20.86 -6.19 5.72
N GLU A 115 -20.66 -7.42 5.25
CA GLU A 115 -21.49 -8.10 4.24
C GLU A 115 -21.76 -7.28 2.97
N SER A 116 -20.87 -6.35 2.65
CA SER A 116 -20.97 -5.53 1.43
C SER A 116 -22.29 -4.79 1.37
N ASN A 117 -22.82 -4.41 2.53
CA ASN A 117 -24.14 -3.79 2.63
C ASN A 117 -24.06 -2.28 2.41
N PRO A 118 -24.75 -1.78 1.38
CA PRO A 118 -24.72 -0.34 1.07
C PRO A 118 -25.69 0.48 1.91
N ALA A 119 -26.46 -0.18 2.78
CA ALA A 119 -27.38 0.55 3.67
C ALA A 119 -26.61 1.55 4.51
N ASN A 120 -27.25 2.67 4.85
CA ASN A 120 -26.67 3.62 5.79
C ASN A 120 -26.49 2.98 7.16
N GLU A 121 -25.42 3.38 7.85
CA GLU A 121 -25.11 2.88 9.19
C GLU A 121 -24.68 1.41 9.24
N THR A 122 -24.34 0.85 8.08
CA THR A 122 -23.74 -0.48 8.03
C THR A 122 -22.38 -0.46 8.73
N PRO A 123 -22.16 -1.37 9.68
CA PRO A 123 -20.94 -1.30 10.49
C PRO A 123 -19.68 -1.63 9.71
N VAL A 124 -18.58 -0.94 10.04
CA VAL A 124 -17.29 -1.34 9.51
CA VAL A 124 -17.26 -1.30 9.54
C VAL A 124 -16.56 -2.12 10.61
N ILE A 125 -15.94 -3.22 10.21
CA ILE A 125 -15.33 -4.12 11.17
C ILE A 125 -13.94 -4.53 10.74
N TYR A 126 -13.18 -5.07 11.68
CA TYR A 126 -11.93 -5.71 11.33
C TYR A 126 -12.31 -7.12 10.90
N TYR A 127 -11.66 -7.62 9.86
CA TYR A 127 -11.96 -8.95 9.36
C TYR A 127 -10.79 -9.49 8.55
N ASN A 128 -10.63 -10.81 8.52
CA ASN A 128 -9.59 -11.47 7.74
C ASN A 128 -9.56 -11.01 6.28
N ASN A 129 -8.41 -10.56 5.82
CA ASN A 129 -8.27 -10.05 4.45
C ASN A 129 -8.44 -11.13 3.37
N ASN A 130 -9.56 -11.07 2.65
CA ASN A 130 -9.85 -11.97 1.55
C ASN A 130 -9.71 -11.25 0.21
N ALA A 131 -9.41 -9.96 0.30
CA ALA A 131 -9.40 -9.06 -0.85
C ALA A 131 -10.72 -9.14 -1.61
N THR A 132 -11.82 -9.19 -0.88
CA THR A 132 -13.12 -8.94 -1.46
C THR A 132 -13.31 -7.43 -1.56
N ASP A 133 -14.24 -7.00 -2.40
CA ASP A 133 -14.37 -5.57 -2.71
C ASP A 133 -14.86 -4.72 -1.54
N ASN A 134 -15.55 -5.33 -0.58
CA ASN A 134 -15.94 -4.60 0.63
C ASN A 134 -14.78 -4.38 1.59
N GLN A 135 -13.61 -4.90 1.22
CA GLN A 135 -12.40 -4.75 2.01
C GLN A 135 -11.38 -3.90 1.24
N LYS A 136 -11.88 -3.09 0.31
CA LYS A 136 -11.04 -2.18 -0.48
C LYS A 136 -11.69 -0.80 -0.47
N TRP A 137 -10.85 0.24 -0.46
CA TRP A 137 -11.32 1.61 -0.25
C TRP A 137 -10.68 2.56 -1.26
N LYS A 138 -11.51 3.35 -1.94
CA LYS A 138 -10.99 4.36 -2.85
C LYS A 138 -10.59 5.57 -2.01
N PHE A 139 -9.40 6.10 -2.29
CA PHE A 139 -8.88 7.25 -1.56
C PHE A 139 -9.08 8.51 -2.40
N ILE A 140 -10.03 9.34 -1.98
CA ILE A 140 -10.35 10.57 -2.69
C ILE A 140 -9.78 11.78 -1.95
N ASP A 141 -8.73 12.37 -2.49
CA ASP A 141 -8.01 13.45 -1.82
C ASP A 141 -8.76 14.76 -1.91
N GLU A 142 -8.79 15.50 -0.80
CA GLU A 142 -9.26 16.88 -0.79
C GLU A 142 -8.40 17.70 0.18
N ALA B 1 -10.23 11.54 -10.24
CA ALA B 1 -10.42 12.10 -8.90
C ALA B 1 -9.90 11.19 -7.77
N PRO B 2 -10.26 9.90 -7.78
CA PRO B 2 -9.65 9.07 -6.73
C PRO B 2 -8.21 8.76 -7.08
N ILE B 3 -7.34 8.72 -6.08
CA ILE B 3 -5.96 8.32 -6.32
C ILE B 3 -5.89 6.81 -6.34
N SER B 4 -5.41 6.25 -7.43
CA SER B 4 -5.25 4.81 -7.50
CA SER B 4 -5.25 4.81 -7.52
C SER B 4 -3.92 4.45 -8.16
N LEU B 5 -3.45 3.24 -7.86
CA LEU B 5 -2.26 2.70 -8.47
C LEU B 5 -2.74 1.54 -9.33
N PRO B 6 -2.99 1.78 -10.63
CA PRO B 6 -3.55 0.73 -11.48
C PRO B 6 -2.50 -0.27 -11.94
N ALA B 7 -2.96 -1.45 -12.33
CA ALA B 7 -2.07 -2.35 -13.05
C ALA B 7 -1.64 -1.59 -14.30
N GLY B 8 -0.36 -1.70 -14.63
CA GLY B 8 0.18 -1.05 -15.82
C GLY B 8 1.70 -1.11 -15.78
N THR B 9 2.34 -0.36 -16.66
CA THR B 9 3.80 -0.36 -16.74
C THR B 9 4.33 0.86 -16.00
N TYR B 10 5.37 0.66 -15.19
CA TYR B 10 5.95 1.72 -14.38
C TYR B 10 7.45 1.89 -14.53
N THR B 11 7.91 3.13 -14.39
CA THR B 11 9.30 3.39 -14.01
C THR B 11 9.29 3.50 -12.48
N LEU B 12 10.23 2.81 -11.82
CA LEU B 12 10.27 2.82 -10.36
C LEU B 12 11.51 3.56 -9.89
N LYS B 13 11.30 4.79 -9.41
CA LYS B 13 12.39 5.69 -9.08
C LYS B 13 12.68 5.70 -7.59
N ASN B 14 13.92 5.39 -7.22
CA ASN B 14 14.24 5.35 -5.79
C ASN B 14 14.11 6.74 -5.17
N VAL B 15 13.41 6.82 -4.04
CA VAL B 15 13.16 8.10 -3.38
C VAL B 15 14.47 8.78 -2.94
N SER B 16 15.42 7.99 -2.43
CA SER B 16 16.68 8.56 -1.96
C SER B 16 17.59 9.06 -3.10
N THR B 17 17.78 8.24 -4.12
CA THR B 17 18.85 8.47 -5.09
C THR B 17 18.38 9.15 -6.38
N GLY B 18 17.13 8.93 -6.73
CA GLY B 18 16.62 9.40 -8.01
C GLY B 18 16.97 8.46 -9.16
N THR B 19 17.68 7.37 -8.85
CA THR B 19 17.97 6.35 -9.85
C THR B 19 16.83 5.34 -9.87
N VAL B 20 16.77 4.55 -10.94
CA VAL B 20 15.60 3.70 -11.14
C VAL B 20 15.92 2.21 -11.13
N LEU B 21 14.89 1.40 -10.87
CA LEU B 21 15.01 -0.06 -10.86
C LEU B 21 15.31 -0.57 -12.28
N ASP B 22 16.39 -1.35 -12.38
CA ASP B 22 17.02 -1.68 -13.66
C ASP B 22 17.41 -3.15 -13.67
N LEU B 23 16.98 -3.89 -14.69
CA LEU B 23 17.41 -5.27 -14.86
C LEU B 23 18.66 -5.29 -15.73
N TRP B 24 19.73 -5.87 -15.19
CA TRP B 24 21.06 -5.91 -15.83
C TRP B 24 21.00 -6.43 -17.27
N ARG B 25 21.36 -5.55 -18.21
CA ARG B 25 21.35 -5.84 -19.65
C ARG B 25 19.98 -6.27 -20.22
N GLY B 26 18.93 -6.14 -19.40
CA GLY B 26 17.61 -6.66 -19.74
C GLY B 26 17.59 -8.16 -19.98
N GLU B 27 18.55 -8.87 -19.38
CA GLU B 27 18.73 -10.29 -19.65
C GLU B 27 17.71 -11.20 -18.97
N ALA B 28 17.28 -12.22 -19.70
CA ALA B 28 16.20 -13.09 -19.24
C ALA B 28 16.77 -14.27 -18.44
N ALA B 29 18.09 -14.37 -18.37
CA ALA B 29 18.70 -15.47 -17.60
C ALA B 29 18.26 -15.45 -16.13
N GLU B 30 17.95 -16.62 -15.59
CA GLU B 30 17.61 -16.75 -14.17
C GLU B 30 18.77 -16.24 -13.29
N GLY B 31 18.46 -15.33 -12.37
CA GLY B 31 19.47 -14.77 -11.49
C GLY B 31 20.10 -13.47 -11.96
N THR B 32 19.59 -12.88 -13.03
CA THR B 32 20.12 -11.61 -13.55
C THR B 32 19.94 -10.48 -12.54
N ALA B 33 21.02 -9.79 -12.20
CA ALA B 33 21.01 -8.72 -11.20
C ALA B 33 19.98 -7.64 -11.49
N ILE B 34 19.21 -7.26 -10.47
CA ILE B 34 18.41 -6.05 -10.51
C ILE B 34 19.14 -5.00 -9.65
N GLN B 35 19.13 -3.74 -10.10
CA GLN B 35 20.07 -2.76 -9.57
C GLN B 35 19.51 -1.36 -9.75
N GLY B 36 20.20 -0.37 -9.19
CA GLY B 36 19.84 1.02 -9.45
C GLY B 36 20.63 1.55 -10.63
N TYR B 37 20.00 2.38 -11.46
CA TYR B 37 20.69 2.92 -12.62
C TYR B 37 20.03 4.25 -13.06
N LYS B 38 20.82 5.16 -13.63
CA LYS B 38 20.26 6.41 -14.12
C LYS B 38 19.19 6.12 -15.17
N SER B 39 18.07 6.84 -15.07
CA SER B 39 16.96 6.64 -16.00
C SER B 39 17.40 6.95 -17.43
N HIS B 40 17.17 6.00 -18.34
CA HIS B 40 17.44 6.23 -19.76
C HIS B 40 16.30 5.80 -20.68
N GLY B 41 15.20 5.37 -20.09
CA GLY B 41 14.02 5.03 -20.86
C GLY B 41 14.02 3.67 -21.55
N GLY B 42 15.04 2.86 -21.29
CA GLY B 42 15.10 1.53 -21.87
C GLY B 42 14.01 0.64 -21.31
N ASP B 43 13.60 -0.36 -22.09
CA ASP B 43 12.60 -1.33 -21.65
C ASP B 43 13.06 -2.12 -20.43
N ASN B 44 14.37 -2.22 -20.23
CA ASN B 44 14.89 -2.95 -19.07
C ASN B 44 14.68 -2.17 -17.78
N GLN B 45 14.17 -0.96 -17.89
CA GLN B 45 13.88 -0.10 -16.75
C GLN B 45 12.37 0.12 -16.60
N LYS B 46 11.59 -0.71 -17.28
CA LYS B 46 10.14 -0.64 -17.20
C LYS B 46 9.60 -1.93 -16.60
N TRP B 47 8.58 -1.79 -15.75
CA TRP B 47 8.09 -2.94 -14.98
C TRP B 47 6.56 -3.03 -14.98
N ARG B 48 6.05 -4.22 -15.26
CA ARG B 48 4.61 -4.42 -15.29
C ARG B 48 4.08 -4.83 -13.92
N LEU B 49 3.15 -4.02 -13.40
CA LEU B 49 2.53 -4.28 -12.11
C LEU B 49 1.21 -5.00 -12.37
N LYS B 50 1.03 -6.16 -11.77
CA LYS B 50 -0.17 -6.97 -11.99
C LYS B 50 -0.55 -7.68 -10.71
N TRP B 51 -1.84 -7.64 -10.36
CA TRP B 51 -2.34 -8.36 -9.19
C TRP B 51 -2.47 -9.86 -9.50
N THR B 52 -2.08 -10.73 -8.56
CA THR B 52 -2.00 -12.16 -8.85
C THR B 52 -3.33 -12.87 -8.68
N GLY B 53 -4.22 -12.29 -7.90
CA GLY B 53 -5.50 -12.90 -7.61
C GLY B 53 -5.51 -13.46 -6.19
N LYS B 54 -4.36 -13.40 -5.54
CA LYS B 54 -4.26 -13.81 -4.15
C LYS B 54 -4.11 -12.60 -3.25
N GLY B 55 -5.17 -12.28 -2.50
CA GLY B 55 -5.15 -11.14 -1.62
C GLY B 55 -4.87 -9.87 -2.39
N ASN B 56 -4.06 -8.99 -1.80
CA ASN B 56 -3.62 -7.77 -2.46
C ASN B 56 -2.26 -7.95 -3.12
N GLN B 57 -1.83 -9.20 -3.31
CA GLN B 57 -0.48 -9.45 -3.81
C GLN B 57 -0.31 -9.16 -5.29
N VAL B 58 0.89 -8.67 -5.65
CA VAL B 58 1.24 -8.33 -7.02
C VAL B 58 2.55 -9.00 -7.41
N THR B 59 2.85 -8.92 -8.71
CA THR B 59 4.20 -9.20 -9.20
C THR B 59 4.66 -8.03 -10.03
N LEU B 60 5.98 -7.93 -10.23
CA LEU B 60 6.56 -6.94 -11.12
C LEU B 60 7.31 -7.68 -12.19
N GLN B 61 6.94 -7.46 -13.46
CA GLN B 61 7.57 -8.15 -14.58
C GLN B 61 8.36 -7.20 -15.47
N ASN B 62 9.60 -7.53 -15.78
CA ASN B 62 10.41 -6.66 -16.64
C ASN B 62 9.89 -6.63 -18.07
N VAL B 63 9.76 -5.43 -18.63
CA VAL B 63 9.23 -5.30 -19.99
C VAL B 63 10.17 -5.94 -21.02
N LYS B 64 11.48 -5.77 -20.83
CA LYS B 64 12.42 -6.29 -21.81
C LYS B 64 12.58 -7.81 -21.77
N SER B 65 12.80 -8.35 -20.58
CA SER B 65 13.10 -9.77 -20.41
C SER B 65 11.90 -10.71 -20.33
N GLY B 66 10.78 -10.22 -19.81
CA GLY B 66 9.65 -11.07 -19.50
C GLY B 66 9.79 -11.82 -18.19
N THR B 67 10.90 -11.61 -17.49
CA THR B 67 11.09 -12.25 -16.20
C THR B 67 10.63 -11.34 -15.07
N TYR B 68 10.58 -11.89 -13.87
CA TYR B 68 9.96 -11.19 -12.75
C TYR B 68 10.95 -10.79 -11.69
N VAL B 69 10.58 -9.80 -10.89
CA VAL B 69 11.32 -9.50 -9.66
C VAL B 69 11.29 -10.72 -8.77
N GLY B 70 12.47 -11.26 -8.48
CA GLY B 70 12.57 -12.47 -7.69
C GLY B 70 13.77 -12.40 -6.79
N THR B 71 14.29 -13.57 -6.42
CA THR B 71 15.39 -13.62 -5.46
C THR B 71 16.46 -14.63 -5.85
N ALA B 72 17.69 -14.32 -5.47
CA ALA B 72 18.85 -15.19 -5.65
C ALA B 72 18.87 -16.40 -4.74
N SER B 73 18.30 -16.26 -3.55
CA SER B 73 18.37 -17.31 -2.53
C SER B 73 17.28 -17.05 -1.51
N ASN B 74 17.19 -17.89 -0.48
CA ASN B 74 16.20 -17.72 0.59
C ASN B 74 16.22 -16.27 1.07
N ILE B 75 15.06 -15.63 1.07
CA ILE B 75 15.02 -14.21 1.38
C ILE B 75 15.46 -13.94 2.83
N GLN B 76 16.52 -13.14 2.95
CA GLN B 76 17.13 -12.72 4.24
C GLN B 76 17.79 -11.40 3.94
N ASN B 77 18.36 -10.76 4.96
CA ASN B 77 19.03 -9.50 4.73
C ASN B 77 20.17 -9.59 3.73
N SER B 78 20.20 -8.64 2.80
CA SER B 78 21.25 -8.49 1.78
C SER B 78 21.24 -9.51 0.64
N VAL B 79 20.23 -10.38 0.59
CA VAL B 79 20.08 -11.28 -0.53
C VAL B 79 19.72 -10.47 -1.78
N ASN B 80 20.36 -10.78 -2.91
CA ASN B 80 20.11 -10.05 -4.15
C ASN B 80 18.69 -10.17 -4.69
N VAL B 81 18.12 -9.04 -5.10
CA VAL B 81 16.93 -9.03 -5.93
C VAL B 81 17.38 -9.26 -7.37
N VAL B 82 16.75 -10.21 -8.05
CA VAL B 82 17.20 -10.62 -9.37
C VAL B 82 16.02 -10.94 -10.29
N GLY B 83 16.28 -10.95 -11.59
CA GLY B 83 15.27 -11.37 -12.55
C GLY B 83 15.11 -12.88 -12.51
N SER B 84 13.87 -13.36 -12.50
CA SER B 84 13.62 -14.78 -12.29
C SER B 84 12.37 -15.22 -13.03
N THR B 85 12.32 -16.50 -13.39
CA THR B 85 11.11 -17.07 -13.99
C THR B 85 10.12 -17.34 -12.83
N THR B 86 10.64 -17.23 -11.60
CA THR B 86 9.79 -17.31 -10.41
C THR B 86 9.66 -15.97 -9.71
N ALA B 87 8.49 -15.35 -9.83
CA ALA B 87 8.24 -14.10 -9.15
C ALA B 87 8.21 -14.26 -7.64
N VAL B 88 8.82 -13.32 -6.93
CA VAL B 88 8.49 -13.16 -5.53
C VAL B 88 7.24 -12.27 -5.45
N PRO B 89 6.13 -12.80 -4.87
CA PRO B 89 4.95 -11.96 -4.74
C PRO B 89 5.18 -10.81 -3.76
N LEU B 90 4.60 -9.64 -4.06
CA LEU B 90 4.88 -8.39 -3.34
C LEU B 90 3.59 -7.75 -2.85
N ASP B 91 3.74 -6.82 -1.91
CA ASP B 91 2.68 -5.94 -1.45
C ASP B 91 3.21 -4.53 -1.65
N ILE B 92 2.42 -3.65 -2.25
CA ILE B 92 2.87 -2.28 -2.45
C ILE B 92 2.23 -1.42 -1.35
N VAL B 93 3.06 -0.87 -0.46
CA VAL B 93 2.57 -0.22 0.77
C VAL B 93 2.86 1.28 0.73
N ALA B 94 1.82 2.11 0.87
CA ALA B 94 2.02 3.56 0.87
C ALA B 94 3.02 4.05 1.93
N ALA B 95 4.01 4.83 1.49
CA ALA B 95 5.04 5.33 2.39
C ALA B 95 4.93 6.85 2.44
N ASP B 96 5.64 7.48 3.38
CA ASP B 96 5.58 8.93 3.53
C ASP B 96 6.06 9.63 2.26
N LYS B 97 6.93 8.95 1.52
CA LYS B 97 7.26 9.31 0.15
C LYS B 97 7.23 8.03 -0.69
N GLY B 98 6.50 8.05 -1.80
CA GLY B 98 6.38 6.89 -2.65
C GLY B 98 5.78 5.67 -1.95
N PHE B 99 6.24 4.50 -2.35
CA PHE B 99 5.73 3.24 -1.83
C PHE B 99 6.87 2.30 -1.43
N ALA B 100 6.67 1.55 -0.34
CA ALA B 100 7.54 0.43 -0.04
C ALA B 100 7.10 -0.78 -0.87
N ILE B 101 8.07 -1.59 -1.28
CA ILE B 101 7.76 -2.81 -2.02
C ILE B 101 8.17 -4.00 -1.17
N GLU B 102 7.17 -4.58 -0.52
CA GLU B 102 7.37 -5.58 0.52
C GLU B 102 7.26 -6.99 -0.05
N ALA B 103 8.09 -7.91 0.42
CA ALA B 103 7.88 -9.32 0.05
C ALA B 103 6.62 -9.83 0.76
N ALA B 104 5.64 -10.27 -0.02
CA ALA B 104 4.33 -10.62 0.53
C ALA B 104 4.38 -11.75 1.54
N ASP B 105 5.29 -12.69 1.33
CA ASP B 105 5.42 -13.84 2.22
C ASP B 105 6.64 -13.76 3.13
N HIS B 106 7.32 -12.63 3.09
CA HIS B 106 8.40 -12.31 4.03
C HIS B 106 8.31 -10.82 4.35
N ARG B 107 7.28 -10.42 5.10
CA ARG B 107 6.85 -9.02 5.11
C ARG B 107 7.77 -8.07 5.89
N LEU B 108 8.74 -8.60 6.62
CA LEU B 108 9.74 -7.77 7.26
C LEU B 108 10.72 -7.23 6.22
N PHE B 109 10.69 -7.81 5.03
CA PHE B 109 11.67 -7.47 3.99
C PHE B 109 11.10 -6.65 2.85
N VAL B 110 11.85 -5.62 2.47
CA VAL B 110 11.50 -4.76 1.34
C VAL B 110 12.64 -4.64 0.34
N LEU B 111 12.32 -4.23 -0.89
CA LEU B 111 13.32 -3.92 -1.90
C LEU B 111 14.11 -2.69 -1.47
N ASP B 112 15.43 -2.82 -1.50
CA ASP B 112 16.32 -1.83 -0.90
C ASP B 112 17.43 -1.48 -1.87
N LEU B 113 17.58 -0.19 -2.21
CA LEU B 113 18.75 0.21 -2.98
C LEU B 113 19.93 0.35 -2.01
N LYS B 114 20.85 -0.61 -2.09
CA LYS B 114 21.90 -0.80 -1.08
C LYS B 114 22.63 0.49 -0.67
N GLU B 115 22.51 0.83 0.61
CA GLU B 115 23.30 1.90 1.22
C GLU B 115 23.02 3.26 0.57
N SER B 116 21.83 3.40 -0.01
CA SER B 116 21.38 4.64 -0.65
C SER B 116 22.39 5.19 -1.67
N ASN B 117 23.12 4.30 -2.32
CA ASN B 117 24.16 4.70 -3.27
C ASN B 117 23.57 5.05 -4.65
N PRO B 118 23.78 6.29 -5.10
CA PRO B 118 23.23 6.69 -6.40
C PRO B 118 24.08 6.26 -7.61
N ALA B 119 25.13 5.48 -7.37
CA ALA B 119 26.00 5.03 -8.46
C ALA B 119 25.28 4.02 -9.35
N ASN B 120 25.58 4.03 -10.64
CA ASN B 120 24.99 3.03 -11.53
C ASN B 120 25.48 1.66 -11.07
N GLU B 121 24.61 0.66 -11.15
CA GLU B 121 24.90 -0.74 -10.80
C GLU B 121 24.92 -1.04 -9.30
N THR B 122 24.46 -0.08 -8.51
CA THR B 122 24.29 -0.32 -7.08
C THR B 122 23.25 -1.42 -6.90
N PRO B 123 23.58 -2.46 -6.14
CA PRO B 123 22.66 -3.59 -6.00
C PRO B 123 21.36 -3.22 -5.32
N VAL B 124 20.28 -3.86 -5.74
CA VAL B 124 19.02 -3.83 -5.01
C VAL B 124 18.95 -5.14 -4.26
N ILE B 125 18.60 -5.08 -2.98
CA ILE B 125 18.68 -6.26 -2.12
C ILE B 125 17.39 -6.35 -1.31
N TYR B 126 17.10 -7.53 -0.77
CA TYR B 126 16.05 -7.64 0.26
C TYR B 126 16.66 -7.16 1.55
N TYR B 127 15.92 -6.38 2.33
CA TYR B 127 16.49 -5.88 3.59
C TYR B 127 15.37 -5.51 4.53
N ASN B 128 15.64 -5.63 5.82
CA ASN B 128 14.65 -5.29 6.84
C ASN B 128 14.08 -3.91 6.60
N ASN B 129 12.76 -3.79 6.66
CA ASN B 129 12.10 -2.52 6.39
C ASN B 129 12.33 -1.59 7.57
N ASN B 130 13.15 -0.57 7.34
CA ASN B 130 13.41 0.47 8.32
C ASN B 130 12.77 1.77 7.90
N ALA B 131 12.05 1.73 6.78
CA ALA B 131 11.46 2.91 6.16
C ALA B 131 12.46 4.06 6.00
N THR B 132 13.68 3.72 5.62
CA THR B 132 14.61 4.72 5.12
C THR B 132 14.27 5.01 3.66
N ASP B 133 14.65 6.20 3.17
CA ASP B 133 14.25 6.63 1.82
C ASP B 133 14.75 5.73 0.69
N ASN B 134 15.85 5.01 0.91
CA ASN B 134 16.36 4.09 -0.12
C ASN B 134 15.50 2.83 -0.22
N GLN B 135 14.52 2.71 0.69
CA GLN B 135 13.59 1.59 0.67
C GLN B 135 12.20 2.07 0.24
N LYS B 136 12.14 3.21 -0.44
CA LYS B 136 10.88 3.76 -0.93
C LYS B 136 11.05 4.07 -2.40
N TRP B 137 10.00 3.87 -3.17
CA TRP B 137 10.07 3.99 -4.62
C TRP B 137 8.91 4.81 -5.15
N LYS B 138 9.22 5.74 -6.06
CA LYS B 138 8.19 6.48 -6.76
C LYS B 138 7.66 5.63 -7.92
N PHE B 139 6.35 5.43 -7.93
CA PHE B 139 5.72 4.67 -9.00
C PHE B 139 5.30 5.60 -10.12
N ILE B 140 6.11 5.65 -11.16
CA ILE B 140 5.79 6.50 -12.32
C ILE B 140 5.07 5.74 -13.42
N ASP B 141 3.76 5.94 -13.51
CA ASP B 141 2.89 5.26 -14.47
C ASP B 141 3.12 5.73 -15.90
N GLU B 142 3.37 4.77 -16.80
CA GLU B 142 3.41 5.05 -18.24
C GLU B 142 1.98 5.05 -18.77
N LYS B 143 1.61 6.09 -19.52
CA LYS B 143 0.22 6.20 -19.94
C LYS B 143 -0.17 5.27 -21.09
#